data_2P4G
#
_entry.id   2P4G
#
_cell.length_a   113.510
_cell.length_b   113.510
_cell.length_c   55.940
_cell.angle_alpha   90.000
_cell.angle_beta   90.000
_cell.angle_gamma   120.000
#
_symmetry.space_group_name_H-M   'P 64'
#
loop_
_entity.id
_entity.type
_entity.pdbx_description
1 polymer 'Hypothetical protein'
2 non-polymer 'NITRATE ION'
3 non-polymer 1,2-ETHANEDIOL
4 water water
#
_entity_poly.entity_id   1
_entity_poly.type   'polypeptide(L)'
_entity_poly.pdbx_seq_one_letter_code
;G(MSE)LTD(MSE)QRDSASSSTVTTEQIVYGALPLTTINEPECRAIAITSINGSATLSGVSGP(MSE)GDQTDADLLIQ
LRGWADAIVVGAETARKENYGPVVLPHGIKNQRQKLGRCGLPKLTLLSKSLYFDFSSELFSPDLPSELSPLVITQQPANN
SEQWDQRLQKLIDVGVEVIVAPTSTNPLKIAFDALHARRLKKISIEGGPSVYRQALSLGIVDRLHLTIAPNIICPVESPL
FGKISDDSFTTRLVLE(MSE)LSSSPNGLIFSRYKVIRDTLGNPTQ
;
_entity_poly.pdbx_strand_id   A
#
loop_
_chem_comp.id
_chem_comp.type
_chem_comp.name
_chem_comp.formula
EDO non-polymer 1,2-ETHANEDIOL 'C2 H6 O2'
NO3 non-polymer 'NITRATE ION' 'N O3 -1'
#
# COMPACT_ATOMS: atom_id res chain seq x y z
N VAL A 16 6.17 3.89 -23.59
CA VAL A 16 5.26 4.01 -22.40
C VAL A 16 6.05 4.26 -21.10
N THR A 17 5.81 5.41 -20.49
CA THR A 17 6.55 5.81 -19.32
C THR A 17 5.74 5.41 -18.10
N THR A 18 6.41 5.39 -16.95
CA THR A 18 5.73 5.16 -15.69
C THR A 18 4.75 6.29 -15.40
N GLU A 19 5.09 7.49 -15.84
CA GLU A 19 4.20 8.63 -15.67
C GLU A 19 2.91 8.43 -16.47
N GLN A 20 3.01 7.79 -17.63
CA GLN A 20 1.81 7.47 -18.40
C GLN A 20 0.95 6.48 -17.65
N ILE A 21 1.58 5.39 -17.22
CA ILE A 21 0.88 4.33 -16.53
C ILE A 21 0.07 4.87 -15.38
N VAL A 22 0.68 5.77 -14.59
CA VAL A 22 0.04 6.33 -13.41
C VAL A 22 -0.96 7.45 -13.74
N TYR A 23 -0.63 8.32 -14.70
CA TYR A 23 -1.41 9.54 -14.88
C TYR A 23 -2.24 9.62 -16.16
N GLY A 24 -1.92 8.78 -17.14
CA GLY A 24 -2.43 8.98 -18.49
C GLY A 24 -3.69 8.18 -18.81
N ALA A 25 -4.39 8.61 -19.86
CA ALA A 25 -5.68 8.04 -20.28
C ALA A 25 -6.70 7.97 -19.14
N LEU A 26 -6.80 9.08 -18.40
CA LEU A 26 -7.78 9.21 -17.32
C LEU A 26 -8.69 10.45 -17.53
N PRO A 27 -9.89 10.45 -16.92
CA PRO A 27 -10.74 11.66 -16.86
C PRO A 27 -10.26 12.67 -15.82
N LEU A 28 -11.06 13.73 -15.61
CA LEU A 28 -10.74 14.80 -14.62
C LEU A 28 -10.84 14.36 -13.16
N THR A 29 -11.16 13.09 -12.93
CA THR A 29 -11.12 12.46 -11.59
C THR A 29 -9.78 12.65 -10.86
N THR A 30 -8.72 12.87 -11.64
CA THR A 30 -7.45 13.26 -11.09
C THR A 30 -7.57 14.63 -10.44
N ILE A 31 -8.12 15.58 -11.21
CA ILE A 31 -8.19 17.01 -10.84
C ILE A 31 -8.26 17.23 -9.33
N ASN A 32 -9.19 16.53 -8.68
CA ASN A 32 -9.21 16.49 -7.22
C ASN A 32 -10.09 15.42 -6.57
N GLU A 33 -10.48 14.41 -7.35
CA GLU A 33 -11.40 13.39 -6.85
C GLU A 33 -10.66 12.38 -5.98
N PRO A 34 -11.23 12.02 -4.83
CA PRO A 34 -10.63 10.93 -4.09
C PRO A 34 -10.52 9.66 -4.94
N GLU A 35 -9.42 8.96 -4.81
CA GLU A 35 -9.20 7.72 -5.53
C GLU A 35 -8.34 6.78 -4.70
N CYS A 36 -8.68 5.50 -4.74
CA CYS A 36 -7.84 4.47 -4.12
C CYS A 36 -7.37 3.46 -5.18
N ARG A 37 -6.06 3.20 -5.16
CA ARG A 37 -5.43 2.27 -6.07
C ARG A 37 -4.63 1.26 -5.29
N ALA A 38 -4.68 0.02 -5.75
CA ALA A 38 -3.85 -1.03 -5.21
C ALA A 38 -2.71 -1.25 -6.20
N ILE A 39 -1.49 -1.45 -5.70
CA ILE A 39 -0.34 -1.75 -6.56
C ILE A 39 0.30 -3.06 -6.14
N ALA A 40 0.51 -3.97 -7.09
CA ALA A 40 0.91 -5.31 -6.71
C ALA A 40 1.79 -5.96 -7.78
N ILE A 41 2.57 -6.95 -7.36
CA ILE A 41 3.38 -7.78 -8.24
C ILE A 41 3.02 -9.25 -8.03
N THR A 42 3.05 -10.03 -9.11
CA THR A 42 2.69 -11.44 -9.03
C THR A 42 3.50 -12.23 -10.04
N SER A 43 3.78 -13.49 -9.72
CA SER A 43 4.19 -14.46 -10.72
C SER A 43 3.04 -14.66 -11.69
N ILE A 44 3.30 -15.26 -12.83
CA ILE A 44 2.24 -15.50 -13.81
C ILE A 44 1.14 -16.43 -13.28
N ASN A 45 1.49 -17.27 -12.31
CA ASN A 45 0.54 -18.14 -11.67
C ASN A 45 0.02 -17.65 -10.31
N GLY A 46 0.17 -16.36 -10.02
CA GLY A 46 -0.53 -15.77 -8.89
C GLY A 46 0.09 -15.80 -7.51
N SER A 47 1.41 -16.02 -7.44
CA SER A 47 2.14 -15.85 -6.19
C SER A 47 2.67 -14.41 -6.06
N ALA A 48 2.39 -13.74 -4.93
CA ALA A 48 2.89 -12.40 -4.66
C ALA A 48 4.37 -12.41 -4.22
N THR A 49 4.86 -13.58 -3.80
CA THR A 49 6.21 -13.69 -3.26
C THR A 49 6.99 -14.78 -3.95
N LEU A 50 8.30 -14.58 -3.96
CA LEU A 50 9.28 -15.58 -4.34
C LEU A 50 10.28 -15.59 -3.18
N SER A 51 10.52 -16.77 -2.62
CA SER A 51 11.32 -16.87 -1.43
C SER A 51 10.85 -15.87 -0.37
N GLY A 52 9.52 -15.77 -0.22
CA GLY A 52 8.94 -15.01 0.85
C GLY A 52 8.88 -13.52 0.69
N VAL A 53 9.36 -13.01 -0.45
CA VAL A 53 9.40 -11.56 -0.72
C VAL A 53 9.01 -11.26 -2.16
N SER A 54 8.55 -10.03 -2.35
CA SER A 54 8.11 -9.53 -3.64
C SER A 54 9.24 -8.87 -4.43
N GLY A 55 10.14 -8.18 -3.71
CA GLY A 55 11.24 -7.38 -4.30
C GLY A 55 11.99 -8.03 -5.45
N PRO A 56 12.56 -9.23 -5.21
CA PRO A 56 13.26 -10.06 -6.21
C PRO A 56 12.57 -10.30 -7.55
N MSE A 57 11.23 -10.27 -7.55
CA MSE A 57 10.49 -10.39 -8.79
C MSE A 57 10.51 -9.10 -9.60
O MSE A 57 10.40 -9.14 -10.81
CB MSE A 57 9.06 -10.84 -8.51
CG MSE A 57 8.97 -12.32 -8.31
SE MSE A 57 7.19 -12.95 -8.43
CE MSE A 57 6.61 -12.14 -6.69
N GLY A 58 10.66 -7.96 -8.92
CA GLY A 58 10.61 -6.68 -9.58
C GLY A 58 11.90 -6.37 -10.27
N ASP A 59 11.85 -5.45 -11.22
CA ASP A 59 13.05 -4.90 -11.84
C ASP A 59 13.02 -3.39 -11.58
N GLN A 60 13.88 -2.64 -12.26
CA GLN A 60 13.98 -1.21 -12.02
C GLN A 60 12.75 -0.48 -12.50
N THR A 61 12.19 -0.89 -13.63
CA THR A 61 10.98 -0.24 -14.16
C THR A 61 9.88 -0.32 -13.10
N ASP A 62 9.65 -1.53 -12.59
CA ASP A 62 8.67 -1.76 -11.53
C ASP A 62 8.93 -0.95 -10.27
N ALA A 63 10.19 -0.85 -9.83
CA ALA A 63 10.53 -0.04 -8.64
C ALA A 63 10.25 1.44 -8.91
N ASP A 64 10.62 1.90 -10.10
CA ASP A 64 10.25 3.24 -10.56
C ASP A 64 8.74 3.49 -10.56
N LEU A 65 7.98 2.53 -11.01
CA LEU A 65 6.53 2.66 -11.02
C LEU A 65 5.96 2.78 -9.60
N LEU A 66 6.48 2.00 -8.68
CA LEU A 66 6.05 2.18 -7.30
C LEU A 66 6.28 3.61 -6.86
N ILE A 67 7.48 4.14 -7.15
CA ILE A 67 7.83 5.51 -6.76
C ILE A 67 6.91 6.51 -7.44
N GLN A 68 6.62 6.29 -8.72
CA GLN A 68 5.71 7.16 -9.49
C GLN A 68 4.33 7.20 -8.82
N LEU A 69 3.84 6.04 -8.39
CA LEU A 69 2.50 5.94 -7.76
C LEU A 69 2.52 6.57 -6.38
N ARG A 70 3.62 6.41 -5.67
CA ARG A 70 3.85 7.15 -4.44
C ARG A 70 3.84 8.67 -4.63
N GLY A 71 4.33 9.14 -5.76
CA GLY A 71 4.29 10.54 -6.10
C GLY A 71 2.89 11.05 -6.37
N TRP A 72 2.02 10.13 -6.80
CA TRP A 72 0.60 10.39 -7.04
C TRP A 72 -0.20 10.41 -5.74
N ALA A 73 0.25 9.61 -4.76
CA ALA A 73 -0.50 9.31 -3.54
C ALA A 73 -0.42 10.42 -2.50
N ASP A 74 -1.52 10.59 -1.75
CA ASP A 74 -1.53 11.35 -0.52
C ASP A 74 -1.19 10.48 0.68
N ALA A 75 -1.54 9.20 0.57
CA ALA A 75 -1.21 8.19 1.62
C ALA A 75 -0.91 6.85 1.01
N ILE A 76 -0.12 6.07 1.74
CA ILE A 76 0.22 4.72 1.36
C ILE A 76 -0.31 3.86 2.50
N VAL A 77 -1.03 2.81 2.15
CA VAL A 77 -1.52 1.85 3.11
C VAL A 77 -0.87 0.53 2.80
N VAL A 78 -0.26 -0.07 3.82
CA VAL A 78 0.45 -1.33 3.66
C VAL A 78 0.40 -2.09 4.99
N GLY A 79 0.30 -3.41 4.93
CA GLY A 79 0.36 -4.24 6.12
C GLY A 79 1.77 -4.19 6.70
N ALA A 80 1.85 -4.08 8.01
CA ALA A 80 3.15 -3.94 8.68
C ALA A 80 4.16 -5.05 8.30
N GLU A 81 3.68 -6.29 8.15
CA GLU A 81 4.55 -7.43 7.87
C GLU A 81 5.13 -7.38 6.48
N THR A 82 4.32 -6.93 5.52
CA THR A 82 4.83 -6.62 4.18
C THR A 82 5.85 -5.49 4.19
N ALA A 83 5.51 -4.38 4.80
CA ALA A 83 6.48 -3.31 5.06
C ALA A 83 7.81 -3.82 5.69
N ARG A 84 7.67 -4.71 6.66
CA ARG A 84 8.81 -5.32 7.30
C ARG A 84 9.60 -6.16 6.31
N LYS A 85 8.93 -7.10 5.65
CA LYS A 85 9.63 -8.07 4.78
C LYS A 85 10.28 -7.35 3.62
N GLU A 86 9.62 -6.29 3.16
CA GLU A 86 10.15 -5.52 2.05
C GLU A 86 11.10 -4.41 2.48
N ASN A 87 11.54 -4.39 3.74
CA ASN A 87 12.57 -3.45 4.19
C ASN A 87 12.15 -1.98 3.93
N TYR A 88 10.89 -1.70 4.21
CA TYR A 88 10.41 -0.35 4.09
C TYR A 88 11.11 0.55 5.10
N GLY A 89 11.39 1.77 4.67
CA GLY A 89 11.88 2.81 5.52
C GLY A 89 11.00 4.03 5.38
N PRO A 90 11.47 5.17 5.90
CA PRO A 90 10.74 6.40 5.65
C PRO A 90 10.56 6.65 4.15
N VAL A 91 9.35 7.08 3.77
CA VAL A 91 9.04 7.34 2.39
C VAL A 91 10.00 8.39 1.84
N VAL A 92 10.55 8.08 0.65
CA VAL A 92 11.38 9.04 -0.11
C VAL A 92 10.76 9.26 -1.48
N LEU A 93 10.94 10.46 -2.01
CA LEU A 93 10.58 10.75 -3.41
C LEU A 93 11.68 11.55 -4.07
N PRO A 94 11.83 11.38 -5.40
CA PRO A 94 12.77 12.16 -6.16
C PRO A 94 12.56 13.67 -6.03
N HIS A 95 13.67 14.37 -6.07
CA HIS A 95 13.67 15.80 -5.88
C HIS A 95 12.61 16.45 -6.80
N GLY A 96 12.57 16.00 -8.06
CA GLY A 96 11.64 16.52 -9.05
C GLY A 96 10.19 16.33 -8.67
N ILE A 97 9.83 15.10 -8.28
CA ILE A 97 8.43 14.83 -7.93
C ILE A 97 7.95 15.68 -6.75
N LYS A 98 8.72 15.66 -5.65
CA LYS A 98 8.44 16.45 -4.43
C LYS A 98 8.22 17.93 -4.78
N ASN A 99 9.05 18.45 -5.67
CA ASN A 99 8.88 19.83 -6.13
CA ASN A 99 8.93 19.82 -6.19
C ASN A 99 7.61 20.03 -6.95
N GLN A 100 7.34 19.14 -7.93
CA GLN A 100 6.03 19.14 -8.62
C GLN A 100 4.86 19.10 -7.62
N ARG A 101 4.96 18.23 -6.62
CA ARG A 101 3.93 18.14 -5.58
C ARG A 101 3.73 19.45 -4.80
N GLN A 102 4.80 19.94 -4.18
CA GLN A 102 4.77 21.14 -3.32
C GLN A 102 4.26 22.38 -4.05
N LYS A 103 4.72 22.57 -5.29
CA LYS A 103 4.20 23.67 -6.10
C LYS A 103 2.71 23.49 -6.39
N LEU A 104 2.25 22.25 -6.56
CA LEU A 104 0.79 21.99 -6.68
C LEU A 104 0.09 21.99 -5.30
N GLY A 105 0.75 22.54 -4.28
CA GLY A 105 0.14 22.74 -2.98
C GLY A 105 -0.09 21.46 -2.21
N ARG A 106 0.71 20.43 -2.52
CA ARG A 106 0.60 19.16 -1.84
C ARG A 106 1.76 18.95 -0.89
N CYS A 107 1.51 18.19 0.17
CA CYS A 107 2.55 17.81 1.08
C CYS A 107 3.61 17.10 0.26
N GLY A 108 4.87 17.30 0.62
CA GLY A 108 5.98 16.78 -0.18
C GLY A 108 5.95 15.28 -0.34
N LEU A 109 5.59 14.60 0.74
CA LEU A 109 5.58 13.14 0.82
C LEU A 109 4.22 12.59 1.26
N PRO A 110 3.81 11.47 0.67
CA PRO A 110 2.59 10.82 1.17
C PRO A 110 2.78 10.25 2.57
N LYS A 111 1.69 10.15 3.31
CA LYS A 111 1.69 9.59 4.65
C LYS A 111 1.74 8.10 4.56
N LEU A 112 2.76 7.51 5.17
CA LEU A 112 2.84 6.07 5.29
C LEU A 112 1.97 5.59 6.42
N THR A 113 1.06 4.68 6.09
CA THR A 113 0.06 4.13 7.03
C THR A 113 0.24 2.61 7.13
N LEU A 114 0.51 2.16 8.35
CA LEU A 114 0.88 0.79 8.59
C LEU A 114 -0.19 0.12 9.38
N LEU A 115 -0.68 -0.99 8.84
CA LEU A 115 -1.71 -1.79 9.46
C LEU A 115 -1.06 -2.92 10.24
N SER A 116 -1.30 -2.96 11.55
CA SER A 116 -0.63 -3.90 12.42
C SER A 116 -1.52 -4.34 13.55
N LYS A 117 -1.95 -5.58 13.51
CA LYS A 117 -2.72 -6.09 14.63
C LYS A 117 -1.85 -6.43 15.83
N SER A 118 -0.63 -6.89 15.61
CA SER A 118 0.29 -7.24 16.73
C SER A 118 1.05 -6.06 17.32
N LEU A 119 1.29 -5.04 16.49
CA LEU A 119 2.08 -3.87 16.89
C LEU A 119 3.58 -4.21 17.06
N TYR A 120 4.00 -5.34 16.48
CA TYR A 120 5.41 -5.73 16.51
C TYR A 120 6.10 -4.90 15.44
N PHE A 121 7.08 -4.09 15.87
CA PHE A 121 7.90 -3.31 14.98
C PHE A 121 9.37 -3.40 15.34
N ASP A 122 10.21 -3.26 14.34
CA ASP A 122 11.66 -3.05 14.52
C ASP A 122 11.96 -1.58 14.81
N PHE A 123 12.26 -1.28 16.06
CA PHE A 123 12.58 0.07 16.51
C PHE A 123 14.01 0.52 16.15
N SER A 124 14.80 -0.36 15.54
CA SER A 124 16.08 0.07 14.96
C SER A 124 15.79 0.78 13.60
N SER A 125 14.57 0.66 13.10
CA SER A 125 14.21 1.34 11.88
C SER A 125 14.14 2.83 12.17
N GLU A 126 14.56 3.63 11.19
CA GLU A 126 14.37 5.09 11.25
C GLU A 126 12.90 5.43 11.32
N LEU A 127 12.05 4.58 10.76
CA LEU A 127 10.59 4.81 10.91
C LEU A 127 10.16 4.99 12.37
N PHE A 128 10.92 4.44 13.31
CA PHE A 128 10.55 4.53 14.73
C PHE A 128 11.52 5.31 15.60
N SER A 129 12.41 6.11 14.97
CA SER A 129 13.25 7.05 15.71
C SER A 129 12.39 8.17 16.25
N PRO A 130 12.59 8.52 17.54
CA PRO A 130 11.81 9.57 18.18
C PRO A 130 11.98 10.97 17.58
N ASP A 131 13.04 11.18 16.83
CA ASP A 131 13.28 12.47 16.22
C ASP A 131 13.00 12.47 14.72
N LEU A 132 12.35 11.44 14.21
CA LEU A 132 11.99 11.42 12.82
C LEU A 132 11.07 12.59 12.57
N PRO A 133 11.27 13.32 11.45
CA PRO A 133 10.28 14.33 11.14
C PRO A 133 8.88 13.70 11.05
N SER A 134 7.89 14.46 11.51
CA SER A 134 6.53 13.99 11.62
C SER A 134 5.94 13.55 10.29
N GLU A 135 6.26 14.26 9.22
CA GLU A 135 5.72 13.87 7.93
C GLU A 135 6.23 12.52 7.46
N LEU A 136 7.35 12.05 8.03
CA LEU A 136 7.91 10.75 7.71
C LEU A 136 7.45 9.67 8.71
N SER A 137 6.91 10.10 9.86
CA SER A 137 6.38 9.19 10.87
C SER A 137 5.13 8.44 10.35
N PRO A 138 5.06 7.13 10.56
CA PRO A 138 3.97 6.36 10.02
C PRO A 138 2.75 6.43 10.91
N LEU A 139 1.56 6.44 10.30
CA LEU A 139 0.34 6.33 11.02
C LEU A 139 0.13 4.81 11.21
N VAL A 140 0.07 4.37 12.47
CA VAL A 140 -0.16 2.97 12.76
C VAL A 140 -1.63 2.75 13.05
N ILE A 141 -2.22 1.76 12.38
CA ILE A 141 -3.62 1.40 12.57
C ILE A 141 -3.66 -0.05 13.10
N THR A 142 -4.19 -0.21 14.31
CA THR A 142 -4.30 -1.50 14.95
C THR A 142 -5.73 -1.71 15.47
N GLN A 143 -5.92 -2.74 16.28
CA GLN A 143 -7.23 -3.08 16.79
C GLN A 143 -7.10 -3.50 18.24
N GLN A 144 -8.06 -3.18 19.08
CA GLN A 144 -8.04 -3.68 20.45
C GLN A 144 -8.17 -5.18 20.36
N PRO A 145 -7.15 -5.93 20.85
CA PRO A 145 -7.21 -7.39 20.76
C PRO A 145 -8.36 -7.96 21.60
N ALA A 146 -9.07 -8.91 21.02
CA ALA A 146 -10.33 -9.42 21.57
C ALA A 146 -10.06 -9.97 22.96
N ASN A 147 -9.15 -10.93 23.02
CA ASN A 147 -8.64 -11.42 24.28
C ASN A 147 -7.26 -10.84 24.50
N ASN A 148 -7.03 -10.38 25.72
CA ASN A 148 -5.94 -9.45 26.01
C ASN A 148 -4.54 -9.99 25.77
N SER A 149 -3.66 -9.05 25.39
CA SER A 149 -2.26 -9.33 25.18
C SER A 149 -1.42 -8.24 25.84
N GLU A 150 -0.68 -8.61 26.89
CA GLU A 150 0.20 -7.65 27.55
C GLU A 150 1.38 -7.24 26.65
N GLN A 151 1.73 -8.08 25.68
CA GLN A 151 2.67 -7.72 24.61
C GLN A 151 2.19 -6.49 23.85
N TRP A 152 0.93 -6.57 23.41
CA TRP A 152 0.31 -5.54 22.62
C TRP A 152 0.27 -4.25 23.42
N ASP A 153 -0.20 -4.32 24.67
CA ASP A 153 -0.13 -3.18 25.59
C ASP A 153 1.27 -2.53 25.60
N GLN A 154 2.29 -3.37 25.78
CA GLN A 154 3.69 -2.91 25.94
C GLN A 154 4.20 -2.31 24.64
N ARG A 155 3.78 -2.89 23.53
CA ARG A 155 4.17 -2.41 22.23
C ARG A 155 3.52 -1.08 21.89
N LEU A 156 2.23 -1.00 22.19
CA LEU A 156 1.51 0.25 22.02
C LEU A 156 2.25 1.35 22.79
N GLN A 157 2.58 1.08 24.05
CA GLN A 157 3.28 2.05 24.87
C GLN A 157 4.62 2.50 24.25
N LYS A 158 5.40 1.53 23.76
CA LYS A 158 6.68 1.79 23.13
C LYS A 158 6.46 2.75 21.97
N LEU A 159 5.47 2.47 21.13
CA LEU A 159 5.17 3.37 20.00
C LEU A 159 4.85 4.76 20.50
N ILE A 160 4.02 4.82 21.53
CA ILE A 160 3.60 6.09 22.08
C ILE A 160 4.83 6.84 22.61
N ASP A 161 5.70 6.11 23.28
CA ASP A 161 6.91 6.70 23.84
C ASP A 161 7.88 7.21 22.82
N VAL A 162 7.84 6.70 21.58
CA VAL A 162 8.68 7.28 20.53
C VAL A 162 7.91 8.35 19.77
N GLY A 163 6.65 8.55 20.09
CA GLY A 163 5.85 9.58 19.44
C GLY A 163 5.04 9.20 18.20
N VAL A 164 4.99 7.91 17.87
CA VAL A 164 4.20 7.44 16.74
C VAL A 164 2.72 7.54 17.03
N GLU A 165 1.97 8.08 16.05
CA GLU A 165 0.52 8.13 16.12
C GLU A 165 -0.13 6.77 15.87
N VAL A 166 -0.89 6.27 16.84
CA VAL A 166 -1.55 4.96 16.73
C VAL A 166 -3.07 5.07 16.91
N ILE A 167 -3.82 4.65 15.89
CA ILE A 167 -5.24 4.57 15.98
C ILE A 167 -5.59 3.13 16.30
N VAL A 168 -6.35 2.92 17.37
CA VAL A 168 -6.83 1.59 17.75
C VAL A 168 -8.27 1.45 17.29
N ALA A 169 -8.50 0.64 16.27
CA ALA A 169 -9.86 0.30 15.85
C ALA A 169 -10.52 -0.58 16.92
N PRO A 170 -11.84 -0.44 17.14
CA PRO A 170 -12.58 -1.40 17.95
C PRO A 170 -12.45 -2.84 17.49
N THR A 171 -12.72 -3.77 18.41
CA THR A 171 -12.62 -5.20 18.15
C THR A 171 -13.52 -5.61 16.98
N SER A 172 -14.71 -5.02 16.95
CA SER A 172 -15.73 -5.25 15.91
C SER A 172 -15.33 -4.79 14.51
N THR A 173 -14.72 -3.61 14.45
CA THR A 173 -14.53 -2.86 13.20
C THR A 173 -13.55 -3.47 12.19
N ASN A 174 -13.57 -2.92 10.98
CA ASN A 174 -12.65 -3.32 9.91
C ASN A 174 -11.50 -2.30 9.85
N PRO A 175 -10.25 -2.76 10.02
CA PRO A 175 -9.11 -1.84 10.08
C PRO A 175 -8.84 -1.05 8.79
N LEU A 176 -9.07 -1.63 7.63
CA LEU A 176 -8.98 -0.90 6.35
C LEU A 176 -10.00 0.22 6.26
N LYS A 177 -11.25 -0.06 6.61
CA LYS A 177 -12.30 0.96 6.65
CA LYS A 177 -12.29 0.97 6.62
C LYS A 177 -11.87 2.09 7.57
N ILE A 178 -11.31 1.70 8.72
CA ILE A 178 -10.83 2.64 9.71
C ILE A 178 -9.69 3.50 9.15
N ALA A 179 -8.74 2.86 8.50
CA ALA A 179 -7.61 3.57 7.93
C ALA A 179 -8.13 4.55 6.89
N PHE A 180 -9.00 4.04 6.04
CA PHE A 180 -9.59 4.76 4.91
C PHE A 180 -10.24 6.04 5.45
N ASP A 181 -11.07 5.90 6.49
CA ASP A 181 -11.71 7.04 7.14
C ASP A 181 -10.72 7.99 7.83
N ALA A 182 -9.77 7.43 8.58
CA ALA A 182 -8.73 8.25 9.25
C ALA A 182 -7.98 9.12 8.23
N LEU A 183 -7.73 8.55 7.06
CA LEU A 183 -6.99 9.24 6.00
C LEU A 183 -7.88 10.27 5.29
N HIS A 184 -9.12 9.91 5.02
CA HIS A 184 -10.05 10.88 4.42
C HIS A 184 -10.29 12.01 5.37
N ALA A 185 -10.51 11.70 6.65
CA ALA A 185 -10.71 12.71 7.71
C ALA A 185 -9.49 13.60 7.88
N ARG A 186 -8.42 13.28 7.20
CA ARG A 186 -7.18 14.00 7.26
C ARG A 186 -6.93 14.72 5.95
N ARG A 187 -7.92 14.70 5.06
CA ARG A 187 -7.85 15.28 3.73
C ARG A 187 -6.84 14.61 2.81
N LEU A 188 -6.54 13.35 3.09
CA LEU A 188 -5.67 12.52 2.25
C LEU A 188 -6.52 11.69 1.29
N LYS A 189 -6.57 12.11 0.03
CA LYS A 189 -7.60 11.66 -0.92
C LYS A 189 -7.16 10.56 -1.89
N LYS A 190 -5.89 10.58 -2.27
CA LYS A 190 -5.31 9.58 -3.18
C LYS A 190 -4.60 8.56 -2.32
N ILE A 191 -5.09 7.32 -2.30
CA ILE A 191 -4.53 6.31 -1.44
C ILE A 191 -3.97 5.17 -2.26
N SER A 192 -2.71 4.83 -2.03
CA SER A 192 -2.11 3.70 -2.69
C SER A 192 -2.04 2.58 -1.66
N ILE A 193 -2.57 1.40 -1.99
CA ILE A 193 -2.43 0.22 -1.14
C ILE A 193 -1.32 -0.60 -1.76
N GLU A 194 -0.20 -0.72 -1.05
CA GLU A 194 0.97 -1.40 -1.55
C GLU A 194 1.00 -2.84 -1.09
N GLY A 195 0.00 -3.19 -0.32
CA GLY A 195 -0.31 -4.54 -0.13
C GLY A 195 -0.18 -5.10 1.24
N GLY A 196 0.28 -6.34 1.18
CA GLY A 196 -0.26 -7.41 1.89
C GLY A 196 -1.38 -7.95 1.02
N PRO A 197 -1.22 -9.17 0.49
CA PRO A 197 -2.37 -9.94 -0.07
C PRO A 197 -3.65 -9.84 0.74
N SER A 198 -3.55 -9.98 2.05
CA SER A 198 -4.75 -9.90 2.88
C SER A 198 -5.32 -8.47 2.94
N VAL A 199 -4.46 -7.48 2.74
CA VAL A 199 -4.85 -6.09 2.68
C VAL A 199 -5.57 -5.83 1.35
N TYR A 200 -4.98 -6.29 0.25
CA TYR A 200 -5.65 -6.28 -1.06
C TYR A 200 -7.02 -6.92 -0.94
N ARG A 201 -7.06 -8.07 -0.30
CA ARG A 201 -8.29 -8.84 -0.12
C ARG A 201 -9.35 -8.05 0.65
N GLN A 202 -8.98 -7.52 1.81
CA GLN A 202 -9.93 -6.75 2.62
C GLN A 202 -10.44 -5.54 1.85
N ALA A 203 -9.58 -4.90 1.05
CA ALA A 203 -9.94 -3.69 0.29
C ALA A 203 -10.90 -3.99 -0.86
N LEU A 204 -10.61 -5.04 -1.61
CA LEU A 204 -11.48 -5.49 -2.69
C LEU A 204 -12.85 -5.84 -2.19
N SER A 205 -12.92 -6.62 -1.12
CA SER A 205 -14.22 -7.03 -0.58
C SER A 205 -14.99 -5.88 0.08
N LEU A 206 -14.29 -4.85 0.54
CA LEU A 206 -14.96 -3.63 0.99
C LEU A 206 -15.36 -2.76 -0.21
N GLY A 207 -14.80 -3.05 -1.38
CA GLY A 207 -15.11 -2.33 -2.60
C GLY A 207 -14.52 -0.92 -2.64
N ILE A 208 -13.34 -0.73 -2.10
CA ILE A 208 -12.79 0.61 -2.03
C ILE A 208 -11.69 0.83 -3.07
N VAL A 209 -11.31 -0.23 -3.77
CA VAL A 209 -10.26 -0.16 -4.78
C VAL A 209 -10.87 0.27 -6.10
N ASP A 210 -10.42 1.42 -6.62
CA ASP A 210 -10.93 1.96 -7.89
C ASP A 210 -10.14 1.44 -9.08
N ARG A 211 -8.83 1.29 -8.90
CA ARG A 211 -7.90 0.84 -9.93
C ARG A 211 -6.84 -0.02 -9.31
N LEU A 212 -6.27 -0.88 -10.15
CA LEU A 212 -5.21 -1.78 -9.80
C LEU A 212 -4.06 -1.61 -10.77
N HIS A 213 -2.86 -1.40 -10.23
CA HIS A 213 -1.64 -1.54 -10.96
C HIS A 213 -1.07 -2.92 -10.65
N LEU A 214 -1.00 -3.78 -11.66
CA LEU A 214 -0.50 -5.14 -11.46
C LEU A 214 0.66 -5.36 -12.41
N THR A 215 1.79 -5.76 -11.83
CA THR A 215 2.96 -6.18 -12.56
C THR A 215 2.99 -7.70 -12.55
N ILE A 216 3.14 -8.31 -13.73
CA ILE A 216 3.22 -9.76 -13.88
C ILE A 216 4.63 -10.11 -14.29
N ALA A 217 5.29 -10.83 -13.38
CA ALA A 217 6.71 -11.08 -13.47
C ALA A 217 6.91 -12.36 -14.24
N PRO A 218 7.97 -12.40 -15.06
CA PRO A 218 8.19 -13.55 -15.92
C PRO A 218 8.69 -14.76 -15.12
N ASN A 219 7.91 -15.21 -14.15
CA ASN A 219 8.23 -16.44 -13.45
C ASN A 219 7.05 -17.28 -13.00
N ILE A 220 7.33 -18.57 -12.81
CA ILE A 220 6.35 -19.55 -12.34
C ILE A 220 6.82 -20.00 -10.98
N ILE A 221 5.93 -19.99 -10.00
CA ILE A 221 6.22 -20.41 -8.62
C ILE A 221 5.16 -21.43 -8.19
N CYS A 222 5.60 -22.68 -8.02
CA CYS A 222 4.77 -23.78 -7.55
C CYS A 222 5.41 -24.45 -6.35
N PRO A 223 4.67 -24.58 -5.24
CA PRO A 223 3.31 -24.12 -5.06
C PRO A 223 3.28 -22.63 -4.97
N VAL A 224 2.12 -22.04 -5.16
CA VAL A 224 1.96 -20.62 -4.94
C VAL A 224 2.33 -20.36 -3.47
N GLU A 225 3.39 -19.60 -3.25
CA GLU A 225 3.80 -19.30 -1.89
C GLU A 225 2.76 -18.46 -1.19
N SER A 226 2.35 -17.40 -1.87
CA SER A 226 1.47 -16.47 -1.28
C SER A 226 0.43 -16.01 -2.31
N PRO A 227 -0.76 -16.61 -2.27
CA PRO A 227 -1.81 -16.18 -3.17
C PRO A 227 -1.93 -14.67 -3.20
N LEU A 228 -1.90 -14.11 -4.41
CA LEU A 228 -1.91 -12.68 -4.63
C LEU A 228 -2.96 -11.96 -3.77
N PHE A 229 -4.17 -12.50 -3.69
CA PHE A 229 -5.24 -11.83 -2.97
C PHE A 229 -5.67 -12.58 -1.72
N GLY A 230 -4.73 -13.32 -1.13
CA GLY A 230 -4.92 -13.90 0.18
C GLY A 230 -5.52 -15.28 0.15
N LYS A 231 -5.22 -16.05 1.18
CA LYS A 231 -5.76 -17.40 1.32
C LYS A 231 -6.72 -17.52 2.50
N ILE A 232 -7.23 -16.37 2.99
CA ILE A 232 -8.27 -16.36 4.03
C ILE A 232 -9.66 -16.52 3.42
N SER A 233 -9.91 -17.75 2.93
CA SER A 233 -11.08 -18.10 2.11
C SER A 233 -12.42 -17.63 2.69
N ASP A 234 -12.45 -17.46 4.03
CA ASP A 234 -13.61 -16.95 4.79
C ASP A 234 -14.81 -16.48 3.94
N ASP A 235 -14.62 -15.39 3.20
CA ASP A 235 -15.64 -14.83 2.32
C ASP A 235 -15.10 -14.70 0.89
N SER A 236 -15.68 -15.47 -0.02
CA SER A 236 -15.25 -15.54 -1.40
C SER A 236 -15.75 -14.38 -2.21
N PHE A 237 -15.03 -14.03 -3.27
CA PHE A 237 -15.60 -13.15 -4.29
C PHE A 237 -14.86 -13.19 -5.62
N THR A 238 -15.59 -12.80 -6.66
CA THR A 238 -15.00 -12.55 -7.97
C THR A 238 -15.30 -11.12 -8.39
N THR A 239 -14.50 -10.56 -9.29
CA THR A 239 -14.84 -9.29 -9.91
C THR A 239 -14.23 -9.19 -11.28
N ARG A 240 -14.83 -8.38 -12.14
CA ARG A 240 -14.25 -8.10 -13.44
C ARG A 240 -13.57 -6.74 -13.48
N LEU A 241 -12.61 -6.67 -14.42
CA LEU A 241 -11.71 -5.56 -14.56
C LEU A 241 -11.83 -5.04 -15.96
N VAL A 242 -11.52 -3.76 -16.14
CA VAL A 242 -11.35 -3.16 -17.47
C VAL A 242 -9.87 -2.81 -17.58
N LEU A 243 -9.19 -3.44 -18.53
CA LEU A 243 -7.80 -3.15 -18.82
C LEU A 243 -7.74 -1.74 -19.43
N GLU A 244 -6.93 -0.88 -18.83
CA GLU A 244 -6.77 0.49 -19.29
C GLU A 244 -5.42 0.77 -19.95
N MSE A 245 -4.38 0.11 -19.44
CA MSE A 245 -3.00 0.36 -19.84
C MSE A 245 -2.29 -0.96 -19.83
O MSE A 245 -2.44 -1.71 -18.89
CB MSE A 245 -2.27 1.22 -18.80
CG MSE A 245 -2.75 2.64 -18.64
SE MSE A 245 -2.13 3.78 -20.10
CE MSE A 245 -0.24 3.65 -19.73
N LEU A 246 -1.50 -1.22 -20.84
CA LEU A 246 -0.66 -2.41 -20.89
C LEU A 246 0.71 -2.06 -21.44
N SER A 247 1.74 -2.56 -20.78
CA SER A 247 3.11 -2.29 -21.15
C SER A 247 4.02 -3.41 -20.61
N SER A 248 5.28 -3.44 -21.07
CA SER A 248 6.29 -4.34 -20.51
C SER A 248 7.67 -3.67 -20.37
N SER A 249 8.48 -4.19 -19.45
CA SER A 249 9.88 -3.77 -19.29
C SER A 249 10.81 -4.59 -20.18
N PRO A 250 12.09 -4.18 -20.32
CA PRO A 250 13.01 -4.98 -21.13
C PRO A 250 13.36 -6.33 -20.50
N ASN A 251 13.11 -6.47 -19.20
CA ASN A 251 13.21 -7.75 -18.51
C ASN A 251 11.96 -8.64 -18.61
N GLY A 252 10.95 -8.18 -19.36
CA GLY A 252 9.78 -9.01 -19.65
C GLY A 252 8.71 -8.98 -18.59
N LEU A 253 8.77 -8.00 -17.69
CA LEU A 253 7.71 -7.81 -16.73
C LEU A 253 6.58 -7.08 -17.42
N ILE A 254 5.34 -7.50 -17.14
CA ILE A 254 4.16 -6.87 -17.77
C ILE A 254 3.63 -5.91 -16.73
N PHE A 255 3.29 -4.72 -17.19
CA PHE A 255 2.67 -3.75 -16.34
C PHE A 255 1.29 -3.52 -16.91
N SER A 256 0.29 -3.57 -16.03
CA SER A 256 -1.10 -3.48 -16.41
C SER A 256 -1.80 -2.56 -15.42
N ARG A 257 -2.69 -1.72 -15.94
CA ARG A 257 -3.56 -0.91 -15.12
C ARG A 257 -4.97 -1.29 -15.49
N TYR A 258 -5.74 -1.67 -14.46
CA TYR A 258 -7.16 -2.00 -14.58
C TYR A 258 -8.03 -1.11 -13.75
N LYS A 259 -9.24 -0.88 -14.24
CA LYS A 259 -10.29 -0.23 -13.48
C LYS A 259 -11.12 -1.31 -12.81
N VAL A 260 -11.34 -1.19 -11.51
CA VAL A 260 -12.14 -2.16 -10.76
C VAL A 260 -13.62 -1.87 -10.86
N ILE A 261 -14.40 -2.86 -11.28
CA ILE A 261 -15.83 -2.63 -11.56
C ILE A 261 -16.73 -3.05 -10.38
N ARG A 262 -17.47 -2.07 -9.85
CA ARG A 262 -18.25 -2.24 -8.63
C ARG A 262 -19.62 -2.85 -8.91
N ASP A 263 -20.06 -3.74 -8.00
CA ASP A 263 -21.37 -4.39 -8.09
C ASP A 263 -21.57 -5.13 -9.43
N NO3 B . 13.68 -9.30 -13.17
O1 NO3 B . 13.55 -8.71 -11.91
O2 NO3 B . 13.05 -10.52 -13.45
O3 NO3 B . 14.44 -8.66 -14.15
C1 EDO C . 10.64 -0.06 -0.37
O1 EDO C . 10.63 -1.50 -0.27
C2 EDO C . 9.36 0.47 -1.01
O2 EDO C . 9.60 1.66 -1.78
C1 EDO D . -1.16 -8.95 4.44
O1 EDO D . -0.44 -10.01 3.78
C2 EDO D . -0.42 -7.71 5.00
O2 EDO D . 1.00 -7.61 4.85
C1 EDO E . 16.37 3.24 8.03
O1 EDO E . 15.49 2.29 8.60
C2 EDO E . 15.64 4.04 6.97
O2 EDO E . 16.59 4.41 5.96
C1 EDO F . -4.44 -2.18 -23.92
O1 EDO F . -3.15 -2.05 -24.55
C2 EDO F . -4.79 -0.87 -23.24
O2 EDO F . -6.10 -0.50 -23.65
C1 EDO G . 11.13 3.75 1.93
O1 EDO G . 12.38 3.46 1.31
C2 EDO G . 10.04 2.64 1.85
O2 EDO G . 8.74 3.03 2.46
C1 EDO H . 8.31 -1.83 8.87
O1 EDO H . 9.32 -1.53 9.86
C2 EDO H . 6.93 -1.83 9.56
O2 EDO H . 6.32 -3.13 9.71
C1 EDO I . 2.56 13.10 5.87
O1 EDO I . 3.54 12.96 4.83
C2 EDO I . 1.87 14.45 5.89
O2 EDO I . 0.51 14.38 5.39
C1 EDO J . 5.33 -4.26 -5.97
O1 EDO J . 5.20 -3.75 -7.30
C2 EDO J . 4.12 -3.74 -5.19
O2 EDO J . 3.87 -4.40 -3.93
C1 EDO K . 3.76 14.72 -8.72
O1 EDO K . 4.40 14.60 -10.00
C2 EDO K . 2.24 14.88 -8.85
O2 EDO K . 1.80 15.99 -8.06
C1 EDO L . 2.70 -8.09 -4.06
O1 EDO L . 2.69 -6.72 -4.51
C2 EDO L . 2.93 -8.13 -2.55
O2 EDO L . 1.73 -7.74 -1.87
C1 EDO M . 9.55 -5.06 19.78
O1 EDO M . 10.44 -4.63 18.72
C2 EDO M . 8.41 -4.09 20.07
O2 EDO M . 7.62 -3.81 18.90
C1 EDO N . 0.37 -7.09 9.20
O1 EDO N . 0.60 -7.24 7.79
C2 EDO N . -1.12 -6.94 9.47
O2 EDO N . -1.36 -7.05 10.88
C1 EDO O . 18.87 13.79 18.00
O1 EDO O . 17.48 14.05 18.27
C2 EDO O . 19.59 12.95 19.06
O2 EDO O . 20.67 13.70 19.64
C1 EDO P . 5.18 -9.28 0.38
O1 EDO P . 6.25 -9.34 1.34
C2 EDO P . 3.84 -9.85 0.89
O2 EDO P . 3.95 -10.43 2.20
C1 EDO Q . 2.94 12.88 14.22
O1 EDO Q . 2.54 13.33 12.92
C2 EDO Q . 4.46 12.80 14.25
O2 EDO Q . 4.90 11.82 15.19
#